data_7Y5W
#
_entry.id   7Y5W
#
_cell.length_a   1.00
_cell.length_b   1.00
_cell.length_c   1.00
_cell.angle_alpha   90.00
_cell.angle_beta   90.00
_cell.angle_gamma   90.00
#
_symmetry.space_group_name_H-M   'P 1'
#
loop_
_entity.id
_entity.type
_entity.pdbx_description
1 polymer 'Histone H3.1'
2 polymer 'Histone H4'
3 polymer 'Widom 601 DNA (147-MER)'
4 polymer 'Widom 601 DNA (147-MER)'
#
loop_
_entity_poly.entity_id
_entity_poly.type
_entity_poly.pdbx_seq_one_letter_code
_entity_poly.pdbx_strand_id
1 'polypeptide(L)'
;MARTKQTARKSTGGKAPRKQLATKAARKSAPATGGVKKPHRYRPGTVALREIRRYQKSTELLIRKLPFQRLVREIAQDFK
TDLRFQSSAVMALQEACEAYLVGLFEDTNLCAIHAKRVTIMPKDIQLARRIRGERA
;
A,C,E,G
2 'polypeptide(L)'
;MSGRGKGGKGLGKGGAKRHRKVLRDNIQGITKPAIRRLARRGGVKRISGLIYEETRGVLKVFLENVIRDAVTYTEHAKRK
TVTAMDVVYALKRQGRTLYGFGG
;
B,D,F,H
3 'polydeoxyribonucleotide'
;(DC)(DT)(DG)(DG)(DA)(DG)(DA)(DA)(DT)(DC)(DC)(DC)(DG)(DG)(DT)(DG)(DC)(DC)(DG)(DA)
(DG)(DG)(DC)(DC)(DG)(DC)(DT)(DC)(DA)(DA)(DT)(DT)(DG)(DG)(DT)(DC)(DG)(DT)(DA)(DG)
(DA)(DC)(DA)(DG)(DC)(DT)(DC)(DT)(DA)(DG)(DC)(DA)(DC)(DC)(DG)(DC)(DT)(DT)(DA)(DA)
(DA)(DC)(DG)(DC)(DA)(DC)(DG)(DT)(DA)(DC)(DG)(DC)(DG)(DC)(DT)(DG)(DT)(DC)(DC)(DC)
(DC)(DC)(DG)(DC)(DG)(DT)(DT)(DT)(DT)(DA)(DA)(DC)(DC)(DG)(DC)(DC)(DA)(DA)(DG)(DG)
(DG)(DG)(DA)(DT)(DT)(DA)(DC)(DT)(DC)(DC)(DC)(DT)(DA)(DG)(DT)(DC)(DT)(DC)(DC)(DA)
(DG)(DG)(DC)(DA)(DC)(DG)(DT)(DG)(DT)(DC)(DA)(DC)(DA)(DT)(DA)(DT)(DA)(DT)(DA)(DC)
(DA)(DT)(DC)(DC)(DT)(DG)(DT)
;
I
4 'polydeoxyribonucleotide'
;(DA)(DC)(DA)(DG)(DG)(DA)(DT)(DG)(DT)(DA)(DT)(DA)(DT)(DA)(DT)(DG)(DT)(DG)(DA)(DC)
(DA)(DC)(DG)(DT)(DG)(DC)(DC)(DT)(DG)(DG)(DA)(DG)(DA)(DC)(DT)(DA)(DG)(DG)(DG)(DA)
(DG)(DT)(DA)(DA)(DT)(DC)(DC)(DC)(DC)(DT)(DT)(DG)(DG)(DC)(DG)(DG)(DT)(DT)(DA)(DA)
(DA)(DA)(DC)(DG)(DC)(DG)(DG)(DG)(DG)(DG)(DA)(DC)(DA)(DG)(DC)(DG)(DC)(DG)(DT)(DA)
(DC)(DG)(DT)(DG)(DC)(DG)(DT)(DT)(DT)(DA)(DA)(DG)(DC)(DG)(DG)(DT)(DG)(DC)(DT)(DA)
(DG)(DA)(DG)(DC)(DT)(DG)(DT)(DC)(DT)(DA)(DC)(DG)(DA)(DC)(DC)(DA)(DA)(DT)(DT)(DG)
(DA)(DG)(DC)(DG)(DG)(DC)(DC)(DT)(DC)(DG)(DG)(DC)(DA)(DC)(DC)(DG)(DG)(DG)(DA)(DT)
(DT)(DC)(DT)(DC)(DC)(DA)(DG)
;
J
#
# COMPACT_ATOMS: atom_id res chain seq x y z
N GLU A 60 20.22 1.28 11.83
CA GLU A 60 21.03 2.08 12.75
C GLU A 60 20.35 3.40 13.09
N LEU A 61 20.27 3.69 14.38
CA LEU A 61 19.67 4.95 14.83
C LEU A 61 20.63 6.10 14.54
N LEU A 62 20.16 7.09 13.79
CA LEU A 62 21.00 8.21 13.38
C LEU A 62 20.90 9.42 14.30
N ILE A 63 19.97 9.40 15.27
CA ILE A 63 19.88 10.44 16.27
C ILE A 63 20.46 9.89 17.58
N ARG A 64 21.40 10.63 18.16
CA ARG A 64 22.03 10.17 19.38
C ARG A 64 21.00 10.08 20.51
N LYS A 65 21.17 9.09 21.37
CA LYS A 65 20.12 8.75 22.34
C LYS A 65 19.95 9.85 23.38
N LEU A 66 21.05 10.37 23.93
CA LEU A 66 20.93 11.35 25.00
C LEU A 66 20.29 12.67 24.56
N PRO A 67 20.69 13.30 23.45
CA PRO A 67 20.00 14.54 23.05
C PRO A 67 18.54 14.32 22.72
N PHE A 68 18.19 13.19 22.11
CA PHE A 68 16.78 12.90 21.86
C PHE A 68 16.01 12.72 23.15
N GLN A 69 16.61 12.03 24.14
CA GLN A 69 15.97 11.89 25.44
C GLN A 69 15.77 13.25 26.09
N ARG A 70 16.78 14.11 26.03
CA ARG A 70 16.66 15.44 26.61
C ARG A 70 15.57 16.25 25.91
N LEU A 71 15.50 16.15 24.59
CA LEU A 71 14.46 16.87 23.85
C LEU A 71 13.07 16.36 24.20
N VAL A 72 12.90 15.04 24.30
CA VAL A 72 11.60 14.48 24.66
C VAL A 72 11.20 14.91 26.07
N ARG A 73 12.15 14.87 27.01
CA ARG A 73 11.84 15.28 28.37
C ARG A 73 11.52 16.76 28.45
N GLU A 74 12.22 17.59 27.67
CA GLU A 74 11.92 19.02 27.65
C GLU A 74 10.54 19.28 27.07
N ILE A 75 10.17 18.58 25.99
CA ILE A 75 8.85 18.74 25.40
C ILE A 75 7.78 18.35 26.41
N ALA A 76 7.97 17.21 27.08
CA ALA A 76 7.00 16.77 28.07
C ALA A 76 6.89 17.76 29.22
N GLN A 77 8.04 18.25 29.71
CA GLN A 77 8.03 19.20 30.83
C GLN A 77 7.31 20.49 30.46
N ASP A 78 7.56 20.99 29.25
CA ASP A 78 6.85 22.19 28.80
C ASP A 78 5.36 21.93 28.66
N PHE A 79 5.00 20.77 28.12
CA PHE A 79 3.58 20.43 27.97
C PHE A 79 2.93 20.14 29.31
N LYS A 80 3.57 19.28 30.12
CA LYS A 80 3.00 18.87 31.40
C LYS A 80 4.10 18.29 32.27
N THR A 81 4.39 18.96 33.39
CA THR A 81 5.47 18.52 34.26
C THR A 81 5.11 17.22 34.98
N ASP A 82 6.10 16.65 35.65
CA ASP A 82 5.95 15.43 36.44
C ASP A 82 5.48 14.26 35.57
N LEU A 83 6.31 13.93 34.58
CA LEU A 83 6.09 12.78 33.71
C LEU A 83 7.37 11.97 33.61
N ARG A 84 7.23 10.65 33.60
CA ARG A 84 8.36 9.73 33.61
C ARG A 84 8.43 8.98 32.30
N PHE A 85 9.61 9.01 31.66
CA PHE A 85 9.87 8.29 30.42
C PHE A 85 10.95 7.25 30.68
N GLN A 86 10.78 6.07 30.10
CA GLN A 86 11.74 4.98 30.25
C GLN A 86 12.45 4.73 28.92
N SER A 87 13.41 3.80 28.95
CA SER A 87 14.23 3.54 27.77
C SER A 87 13.40 2.97 26.63
N SER A 88 12.47 2.06 26.93
CA SER A 88 11.71 1.40 25.87
C SER A 88 10.80 2.39 25.14
N ALA A 89 10.07 3.22 25.89
CA ALA A 89 9.18 4.18 25.26
C ALA A 89 9.95 5.19 24.43
N VAL A 90 11.07 5.69 24.96
CA VAL A 90 11.87 6.65 24.21
C VAL A 90 12.45 6.01 22.96
N MET A 91 12.88 4.75 23.06
CA MET A 91 13.44 4.07 21.89
C MET A 91 12.37 3.89 20.82
N ALA A 92 11.17 3.48 21.21
CA ALA A 92 10.09 3.35 20.23
C ALA A 92 9.74 4.68 19.60
N LEU A 93 9.65 5.74 20.41
CA LEU A 93 9.35 7.05 19.88
C LEU A 93 10.43 7.53 18.92
N GLN A 94 11.70 7.28 19.25
CA GLN A 94 12.80 7.68 18.39
C GLN A 94 12.79 6.91 17.08
N GLU A 95 12.50 5.60 17.14
CA GLU A 95 12.40 4.82 15.90
C GLU A 95 11.28 5.33 15.02
N ALA A 96 10.12 5.61 15.61
CA ALA A 96 9.01 6.16 14.82
C ALA A 96 9.35 7.51 14.23
N CYS A 97 10.01 8.37 15.02
CA CYS A 97 10.41 9.69 14.54
C CYS A 97 11.39 9.57 13.38
N GLU A 98 12.38 8.68 13.50
CA GLU A 98 13.34 8.50 12.42
C GLU A 98 12.66 7.96 11.16
N ALA A 99 11.73 7.03 11.32
CA ALA A 99 11.01 6.52 10.15
C ALA A 99 10.20 7.63 9.48
N TYR A 100 9.52 8.46 10.29
CA TYR A 100 8.74 9.56 9.75
C TYR A 100 9.62 10.56 9.03
N LEU A 101 10.79 10.89 9.62
CA LEU A 101 11.69 11.84 8.97
C LEU A 101 12.27 11.27 7.68
N VAL A 102 12.57 9.98 7.65
CA VAL A 102 13.06 9.36 6.43
C VAL A 102 11.99 9.41 5.35
N GLY A 103 10.74 9.12 5.70
CA GLY A 103 9.66 9.23 4.73
C GLY A 103 9.47 10.65 4.23
N LEU A 104 9.52 11.62 5.14
CA LEU A 104 9.37 13.02 4.74
C LEU A 104 10.50 13.44 3.82
N PHE A 105 11.73 13.02 4.12
CA PHE A 105 12.86 13.39 3.26
C PHE A 105 12.80 12.68 1.91
N GLU A 106 12.27 11.46 1.87
CA GLU A 106 12.03 10.81 0.59
C GLU A 106 11.03 11.62 -0.24
N ASP A 107 9.95 12.08 0.39
CA ASP A 107 8.96 12.87 -0.33
C ASP A 107 9.54 14.20 -0.80
N THR A 108 10.35 14.84 0.04
CA THR A 108 10.96 16.10 -0.37
C THR A 108 11.99 15.90 -1.47
N ASN A 109 12.69 14.77 -1.47
CA ASN A 109 13.58 14.46 -2.59
C ASN A 109 12.78 14.27 -3.87
N LEU A 110 11.63 13.61 -3.77
CA LEU A 110 10.77 13.48 -4.94
C LEU A 110 10.34 14.85 -5.46
N CYS A 111 9.96 15.75 -4.54
CA CYS A 111 9.56 17.09 -4.94
C CYS A 111 10.71 17.85 -5.59
N ALA A 112 11.91 17.74 -5.02
CA ALA A 112 13.08 18.44 -5.56
C ALA A 112 13.42 17.93 -6.96
N ILE A 113 13.40 16.61 -7.14
CA ILE A 113 13.66 16.04 -8.46
C ILE A 113 12.59 16.49 -9.45
N HIS A 114 11.34 16.57 -9.00
CA HIS A 114 10.27 17.08 -9.86
C HIS A 114 10.51 18.53 -10.25
N ALA A 115 11.10 19.33 -9.35
CA ALA A 115 11.34 20.74 -9.62
C ALA A 115 12.60 20.98 -10.45
N LYS A 116 13.11 19.95 -11.14
CA LYS A 116 14.35 20.04 -11.90
C LYS A 116 15.49 20.56 -11.05
N ARG A 117 15.66 19.90 -9.90
CA ARG A 117 16.62 20.32 -8.89
C ARG A 117 17.08 19.08 -8.13
N VAL A 118 18.31 19.14 -7.60
CA VAL A 118 18.81 18.07 -6.76
C VAL A 118 18.99 18.49 -5.31
N THR A 119 19.38 19.74 -5.05
CA THR A 119 19.55 20.24 -3.70
C THR A 119 18.18 20.52 -3.08
N ILE A 120 17.88 19.84 -1.97
CA ILE A 120 16.59 20.04 -1.31
C ILE A 120 16.60 21.35 -0.54
N MET A 121 15.59 22.17 -0.76
CA MET A 121 15.40 23.45 -0.08
C MET A 121 14.12 23.42 0.75
N PRO A 122 13.98 24.32 1.73
CA PRO A 122 12.77 24.30 2.57
C PRO A 122 11.47 24.39 1.80
N LYS A 123 11.49 24.90 0.57
CA LYS A 123 10.31 24.84 -0.27
C LYS A 123 9.83 23.41 -0.45
N ASP A 124 10.76 22.48 -0.66
CA ASP A 124 10.40 21.07 -0.80
C ASP A 124 9.80 20.52 0.48
N ILE A 125 10.38 20.88 1.63
CA ILE A 125 9.86 20.41 2.91
C ILE A 125 8.42 20.88 3.09
N GLN A 126 8.18 22.18 2.87
CA GLN A 126 6.85 22.72 3.06
C GLN A 126 5.86 22.12 2.06
N LEU A 127 6.29 21.93 0.81
CA LEU A 127 5.43 21.31 -0.19
C LEU A 127 5.03 19.90 0.23
N ALA A 128 6.01 19.08 0.62
CA ALA A 128 5.68 17.71 1.02
C ALA A 128 4.77 17.68 2.24
N ARG A 129 5.04 18.55 3.22
CA ARG A 129 4.21 18.58 4.42
C ARG A 129 2.78 18.99 4.09
N ARG A 130 2.60 20.01 3.25
CA ARG A 130 1.27 20.51 2.98
C ARG A 130 0.50 19.57 2.05
N ILE A 131 1.18 18.84 1.18
CA ILE A 131 0.50 17.86 0.33
C ILE A 131 0.12 16.62 1.13
N ARG A 132 1.01 16.14 2.01
CA ARG A 132 0.68 14.99 2.83
C ARG A 132 -0.47 15.25 3.79
N GLY A 133 -0.82 16.52 3.99
CA GLY A 133 -1.89 16.90 4.89
C GLY A 133 -1.45 17.20 6.30
N GLU A 134 -0.16 17.01 6.63
CA GLU A 134 0.31 17.28 7.97
C GLU A 134 0.23 18.76 8.32
N ARG A 135 0.31 19.64 7.32
CA ARG A 135 0.19 21.08 7.55
C ARG A 135 -1.21 21.57 7.19
N ASP B 25 14.79 24.52 24.43
CA ASP B 25 15.98 25.14 23.85
C ASP B 25 17.04 24.10 23.52
N ASN B 26 16.70 22.82 23.70
CA ASN B 26 17.60 21.72 23.41
C ASN B 26 17.27 21.02 22.09
N ILE B 27 16.44 21.63 21.25
CA ILE B 27 16.12 21.07 19.95
C ILE B 27 17.37 21.01 19.06
N GLN B 28 18.38 21.80 19.37
CA GLN B 28 19.63 21.79 18.63
C GLN B 28 20.38 20.46 18.85
N GLY B 29 19.86 19.62 19.72
CA GLY B 29 20.40 18.28 19.87
C GLY B 29 20.29 17.44 18.62
N ILE B 30 19.39 17.80 17.71
CA ILE B 30 19.32 17.16 16.41
C ILE B 30 20.38 17.81 15.52
N THR B 31 21.59 17.26 15.55
CA THR B 31 22.74 17.91 14.94
C THR B 31 22.64 17.86 13.42
N LYS B 32 23.43 18.72 12.78
CA LYS B 32 23.49 18.75 11.32
C LYS B 32 23.86 17.41 10.71
N PRO B 33 24.90 16.70 11.18
CA PRO B 33 25.18 15.38 10.60
C PRO B 33 24.05 14.39 10.77
N ALA B 34 23.28 14.48 11.86
CA ALA B 34 22.15 13.57 12.04
C ALA B 34 21.10 13.78 10.96
N ILE B 35 20.73 15.04 10.70
CA ILE B 35 19.77 15.34 9.65
C ILE B 35 20.33 14.94 8.29
N ARG B 36 21.62 15.18 8.07
CA ARG B 36 22.22 14.82 6.79
C ARG B 36 22.17 13.32 6.57
N ARG B 37 22.47 12.53 7.59
CA ARG B 37 22.42 11.08 7.44
C ARG B 37 20.99 10.57 7.28
N LEU B 38 20.05 11.18 8.01
CA LEU B 38 18.65 10.81 7.85
C LEU B 38 18.16 11.06 6.43
N ALA B 39 18.55 12.20 5.85
CA ALA B 39 18.23 12.45 4.46
C ALA B 39 18.97 11.49 3.54
N ARG B 40 20.18 11.10 3.93
CA ARG B 40 20.96 10.15 3.13
C ARG B 40 20.23 8.82 3.01
N ARG B 41 19.64 8.33 4.10
CA ARG B 41 18.82 7.13 3.98
C ARG B 41 17.59 7.38 3.11
N GLY B 42 17.13 8.61 3.01
CA GLY B 42 15.98 8.94 2.20
C GLY B 42 16.25 9.16 0.74
N GLY B 43 17.45 8.81 0.27
CA GLY B 43 17.80 9.00 -1.12
C GLY B 43 18.24 10.39 -1.49
N VAL B 44 18.34 11.31 -0.53
CA VAL B 44 18.74 12.68 -0.83
C VAL B 44 20.21 12.71 -1.24
N LYS B 45 20.51 13.53 -2.25
CA LYS B 45 21.87 13.71 -2.73
C LYS B 45 22.54 14.94 -2.14
N ARG B 46 21.88 16.09 -2.17
CA ARG B 46 22.42 17.33 -1.61
C ARG B 46 21.35 18.00 -0.76
N ILE B 47 21.80 18.73 0.26
CA ILE B 47 20.92 19.35 1.24
C ILE B 47 21.31 20.83 1.37
N SER B 48 20.32 21.70 1.28
CA SER B 48 20.57 23.12 1.45
C SER B 48 20.85 23.44 2.92
N GLY B 49 21.41 24.62 3.15
CA GLY B 49 21.77 25.02 4.50
C GLY B 49 20.62 25.42 5.38
N LEU B 50 19.43 25.61 4.80
CA LEU B 50 18.25 25.97 5.57
C LEU B 50 17.35 24.78 5.88
N ILE B 51 17.72 23.57 5.44
CA ILE B 51 16.93 22.40 5.76
C ILE B 51 16.99 22.06 7.23
N TYR B 52 18.10 22.38 7.90
CA TYR B 52 18.29 21.94 9.27
C TYR B 52 17.29 22.59 10.22
N GLU B 53 17.08 23.90 10.10
CA GLU B 53 16.12 24.57 10.97
C GLU B 53 14.70 24.09 10.71
N GLU B 54 14.33 23.95 9.43
CA GLU B 54 13.00 23.47 9.10
C GLU B 54 12.77 22.05 9.60
N THR B 55 13.78 21.19 9.46
CA THR B 55 13.67 19.82 9.93
C THR B 55 13.58 19.76 11.45
N ARG B 56 14.32 20.62 12.15
CA ARG B 56 14.19 20.68 13.60
C ARG B 56 12.79 21.12 14.01
N GLY B 57 12.23 22.11 13.30
CA GLY B 57 10.86 22.52 13.59
C GLY B 57 9.86 21.40 13.31
N VAL B 58 10.05 20.68 12.21
CA VAL B 58 9.14 19.58 11.87
C VAL B 58 9.23 18.49 12.93
N LEU B 59 10.44 18.17 13.39
CA LEU B 59 10.58 17.19 14.47
C LEU B 59 9.93 17.68 15.75
N LYS B 60 10.09 18.96 16.07
CA LYS B 60 9.45 19.47 17.26
C LYS B 60 7.93 19.31 17.17
N VAL B 61 7.35 19.61 16.01
CA VAL B 61 5.90 19.47 15.82
C VAL B 61 5.49 18.00 15.93
N PHE B 62 6.23 17.11 15.27
CA PHE B 62 5.84 15.69 15.26
C PHE B 62 5.95 15.08 16.65
N LEU B 63 7.06 15.32 17.36
CA LEU B 63 7.17 14.82 18.73
C LEU B 63 6.15 15.47 19.65
N GLU B 64 5.83 16.75 19.45
CA GLU B 64 4.77 17.35 20.28
C GLU B 64 3.46 16.62 20.06
N ASN B 65 3.10 16.35 18.80
CA ASN B 65 1.85 15.65 18.52
C ASN B 65 1.85 14.26 19.15
N VAL B 66 2.90 13.49 18.92
CA VAL B 66 2.94 12.10 19.40
C VAL B 66 2.97 12.07 20.92
N ILE B 67 3.78 12.94 21.55
CA ILE B 67 3.87 12.96 23.00
C ILE B 67 2.55 13.39 23.62
N ARG B 68 1.88 14.39 23.04
CA ARG B 68 0.59 14.81 23.57
C ARG B 68 -0.44 13.69 23.46
N ASP B 69 -0.46 12.98 22.32
CA ASP B 69 -1.40 11.88 22.18
C ASP B 69 -1.10 10.76 23.18
N ALA B 70 0.18 10.42 23.35
CA ALA B 70 0.55 9.37 24.29
C ALA B 70 0.22 9.76 25.73
N VAL B 71 0.47 11.02 26.09
CA VAL B 71 0.16 11.49 27.43
C VAL B 71 -1.35 11.47 27.67
N THR B 72 -2.13 11.90 26.68
CA THR B 72 -3.58 11.86 26.84
C THR B 72 -4.06 10.41 27.02
N TYR B 73 -3.52 9.49 26.23
CA TYR B 73 -3.92 8.10 26.35
C TYR B 73 -3.53 7.52 27.71
N THR B 74 -2.35 7.87 28.22
CA THR B 74 -1.91 7.29 29.48
C THR B 74 -2.60 7.94 30.69
N GLU B 75 -3.03 9.20 30.59
CA GLU B 75 -3.94 9.73 31.60
C GLU B 75 -5.30 9.03 31.52
N HIS B 76 -5.78 8.73 30.31
CA HIS B 76 -7.00 7.96 30.18
C HIS B 76 -6.83 6.54 30.71
N ALA B 77 -5.59 6.05 30.80
CA ALA B 77 -5.30 4.72 31.33
C ALA B 77 -5.05 4.74 32.83
N LYS B 78 -5.27 5.87 33.50
CA LYS B 78 -5.13 6.00 34.95
C LYS B 78 -3.70 5.69 35.40
N ARG B 79 -2.74 6.35 34.75
CA ARG B 79 -1.33 6.19 35.07
C ARG B 79 -0.66 7.56 35.07
N LYS B 80 0.33 7.72 35.95
CA LYS B 80 1.09 8.96 36.05
C LYS B 80 2.36 8.96 35.21
N THR B 81 2.66 7.87 34.53
CA THR B 81 3.83 7.76 33.66
C THR B 81 3.38 7.43 32.24
N VAL B 82 4.36 7.26 31.35
CA VAL B 82 4.12 6.89 29.96
C VAL B 82 4.96 5.67 29.64
N THR B 83 4.41 4.76 28.83
CA THR B 83 5.07 3.52 28.48
C THR B 83 5.22 3.41 26.97
N ALA B 84 5.96 2.39 26.54
CA ALA B 84 6.16 2.16 25.11
C ALA B 84 4.85 1.86 24.41
N MET B 85 3.98 1.07 25.04
CA MET B 85 2.69 0.78 24.44
C MET B 85 1.83 2.04 24.31
N ASP B 86 1.97 2.97 25.26
CA ASP B 86 1.27 4.25 25.14
C ASP B 86 1.71 4.97 23.86
N VAL B 87 3.02 4.97 23.59
CA VAL B 87 3.53 5.59 22.37
C VAL B 87 3.02 4.84 21.13
N VAL B 88 2.95 3.51 21.21
CA VAL B 88 2.48 2.74 20.07
C VAL B 88 1.02 3.06 19.76
N TYR B 89 0.18 3.13 20.80
CA TYR B 89 -1.22 3.49 20.60
C TYR B 89 -1.34 4.91 20.06
N ALA B 90 -0.49 5.84 20.55
CA ALA B 90 -0.53 7.20 20.04
C ALA B 90 -0.16 7.26 18.56
N LEU B 91 0.87 6.50 18.16
CA LEU B 91 1.27 6.49 16.76
C LEU B 91 0.24 5.80 15.88
N LYS B 92 -0.51 4.85 16.44
CA LYS B 92 -1.54 4.17 15.66
C LYS B 92 -2.62 5.14 15.21
N ARG B 93 -2.80 6.25 15.93
CA ARG B 93 -3.79 7.26 15.58
C ARG B 93 -3.24 8.34 14.66
N GLN B 94 -1.98 8.24 14.26
CA GLN B 94 -1.38 9.23 13.37
C GLN B 94 -1.88 9.03 11.93
N GLU C 60 -24.10 23.04 -7.99
CA GLU C 60 -23.00 22.83 -7.04
C GLU C 60 -22.16 21.63 -7.44
N LEU C 61 -22.47 21.07 -8.61
CA LEU C 61 -21.79 19.89 -9.13
C LEU C 61 -21.14 20.23 -10.47
N LEU C 62 -19.89 19.78 -10.63
CA LEU C 62 -19.10 20.12 -11.81
C LEU C 62 -19.15 19.05 -12.89
N ILE C 63 -19.37 17.79 -12.53
CA ILE C 63 -19.52 16.71 -13.49
C ILE C 63 -21.00 16.53 -13.79
N ARG C 64 -21.35 16.45 -15.07
CA ARG C 64 -22.75 16.28 -15.46
C ARG C 64 -23.30 14.99 -14.86
N LYS C 65 -24.51 15.06 -14.32
CA LYS C 65 -25.03 13.98 -13.48
C LYS C 65 -25.28 12.70 -14.29
N LEU C 66 -25.94 12.84 -15.45
CA LEU C 66 -26.32 11.64 -16.19
C LEU C 66 -25.13 10.85 -16.72
N PRO C 67 -24.11 11.47 -17.34
CA PRO C 67 -22.93 10.68 -17.72
C PRO C 67 -22.20 10.06 -16.55
N PHE C 68 -22.19 10.72 -15.38
CA PHE C 68 -21.60 10.10 -14.21
C PHE C 68 -22.40 8.89 -13.76
N GLN C 69 -23.73 8.98 -13.83
CA GLN C 69 -24.56 7.80 -13.57
C GLN C 69 -24.22 6.68 -14.52
N ARG C 70 -24.05 7.01 -15.80
CA ARG C 70 -23.71 5.99 -16.80
C ARG C 70 -22.36 5.35 -16.49
N LEU C 71 -21.37 6.15 -16.13
CA LEU C 71 -20.05 5.61 -15.82
C LEU C 71 -20.08 4.73 -14.57
N VAL C 72 -20.80 5.18 -13.53
CA VAL C 72 -20.89 4.39 -12.31
C VAL C 72 -21.58 3.07 -12.57
N ARG C 73 -22.67 3.09 -13.32
CA ARG C 73 -23.37 1.85 -13.64
C ARG C 73 -22.53 0.94 -14.52
N GLU C 74 -21.73 1.52 -15.43
CA GLU C 74 -20.83 0.70 -16.25
C GLU C 74 -19.80 0.00 -15.39
N ILE C 75 -19.21 0.72 -14.44
CA ILE C 75 -18.22 0.10 -13.55
C ILE C 75 -18.90 -0.99 -12.71
N ALA C 76 -20.10 -0.71 -12.20
CA ALA C 76 -20.80 -1.70 -11.37
C ALA C 76 -21.12 -2.96 -12.17
N GLN C 77 -21.64 -2.81 -13.39
CA GLN C 77 -21.96 -3.98 -14.19
C GLN C 77 -20.71 -4.72 -14.62
N ASP C 78 -19.56 -4.01 -14.69
CA ASP C 78 -18.29 -4.70 -14.82
C ASP C 78 -17.98 -5.52 -13.58
N PHE C 79 -18.41 -5.04 -12.40
CA PHE C 79 -18.19 -5.80 -11.18
C PHE C 79 -19.23 -6.91 -11.02
N LYS C 80 -20.51 -6.54 -10.90
CA LYS C 80 -21.58 -7.51 -10.81
C LYS C 80 -22.76 -7.03 -11.64
N THR C 81 -23.48 -7.99 -12.22
CA THR C 81 -24.53 -7.69 -13.17
C THR C 81 -25.87 -7.45 -12.48
N ASP C 82 -26.73 -6.68 -13.16
CA ASP C 82 -28.10 -6.42 -12.72
C ASP C 82 -28.13 -5.83 -11.32
N LEU C 83 -27.41 -4.74 -11.14
CA LEU C 83 -27.33 -4.03 -9.86
C LEU C 83 -27.96 -2.65 -10.01
N ARG C 84 -28.95 -2.36 -9.17
CA ARG C 84 -29.59 -1.05 -9.17
C ARG C 84 -28.80 -0.09 -8.30
N PHE C 85 -29.09 1.20 -8.46
CA PHE C 85 -28.42 2.25 -7.72
C PHE C 85 -29.43 3.25 -7.20
N GLN C 86 -29.38 3.51 -5.89
CA GLN C 86 -30.17 4.60 -5.33
C GLN C 86 -29.64 5.94 -5.83
N SER C 87 -30.56 6.86 -6.15
CA SER C 87 -30.15 8.15 -6.67
C SER C 87 -29.30 8.90 -5.65
N SER C 88 -29.64 8.79 -4.36
CA SER C 88 -28.83 9.40 -3.32
C SER C 88 -27.44 8.79 -3.27
N ALA C 89 -27.33 7.48 -3.52
CA ALA C 89 -26.02 6.83 -3.51
C ALA C 89 -25.14 7.37 -4.63
N VAL C 90 -25.70 7.48 -5.85
CA VAL C 90 -24.93 8.01 -6.97
C VAL C 90 -24.58 9.48 -6.72
N MET C 91 -25.50 10.24 -6.12
CA MET C 91 -25.23 11.63 -5.83
C MET C 91 -24.09 11.78 -4.82
N ALA C 92 -24.10 10.97 -3.77
CA ALA C 92 -23.02 11.02 -2.79
C ALA C 92 -21.70 10.58 -3.39
N LEU C 93 -21.74 9.56 -4.26
CA LEU C 93 -20.52 9.12 -4.93
C LEU C 93 -19.96 10.21 -5.83
N GLN C 94 -20.83 10.90 -6.57
CA GLN C 94 -20.37 12.00 -7.42
C GLN C 94 -19.80 13.14 -6.59
N GLU C 95 -20.44 13.48 -5.47
CA GLU C 95 -19.90 14.52 -4.61
C GLU C 95 -18.53 14.13 -4.07
N ALA C 96 -18.37 12.86 -3.68
CA ALA C 96 -17.08 12.39 -3.19
C ALA C 96 -16.02 12.45 -4.27
N CYS C 97 -16.37 12.05 -5.49
CA CYS C 97 -15.40 12.10 -6.59
C CYS C 97 -15.01 13.54 -6.90
N GLU C 98 -15.99 14.46 -6.89
CA GLU C 98 -15.68 15.86 -7.12
C GLU C 98 -14.77 16.41 -6.04
N ALA C 99 -15.03 16.07 -4.78
CA ALA C 99 -14.15 16.54 -3.71
C ALA C 99 -12.75 15.96 -3.84
N TYR C 100 -12.65 14.67 -4.20
CA TYR C 100 -11.35 14.05 -4.35
C TYR C 100 -10.55 14.70 -5.48
N LEU C 101 -11.19 14.93 -6.62
CA LEU C 101 -10.48 15.57 -7.73
C LEU C 101 -10.16 17.03 -7.43
N VAL C 102 -11.02 17.74 -6.70
CA VAL C 102 -10.70 19.10 -6.33
C VAL C 102 -9.48 19.14 -5.42
N GLY C 103 -9.41 18.23 -4.44
CA GLY C 103 -8.21 18.15 -3.61
C GLY C 103 -6.97 17.77 -4.40
N LEU C 104 -7.11 16.80 -5.30
CA LEU C 104 -5.97 16.38 -6.11
C LEU C 104 -5.49 17.52 -7.01
N PHE C 105 -6.42 18.30 -7.55
CA PHE C 105 -6.05 19.42 -8.39
C PHE C 105 -5.45 20.57 -7.57
N GLU C 106 -5.92 20.75 -6.34
CA GLU C 106 -5.26 21.71 -5.45
C GLU C 106 -3.81 21.33 -5.22
N ASP C 107 -3.57 20.05 -4.92
CA ASP C 107 -2.20 19.59 -4.71
C ASP C 107 -1.37 19.64 -5.99
N THR C 108 -1.99 19.36 -7.14
CA THR C 108 -1.28 19.45 -8.41
C THR C 108 -0.91 20.88 -8.76
N ASN C 109 -1.83 21.83 -8.54
CA ASN C 109 -1.50 23.23 -8.72
C ASN C 109 -0.39 23.65 -7.76
N LEU C 110 -0.42 23.11 -6.54
CA LEU C 110 0.65 23.38 -5.58
C LEU C 110 1.99 22.90 -6.12
N CYS C 111 2.02 21.69 -6.67
CA CYS C 111 3.25 21.17 -7.25
C CYS C 111 3.72 22.04 -8.41
N ALA C 112 2.80 22.44 -9.28
CA ALA C 112 3.17 23.23 -10.45
C ALA C 112 3.72 24.59 -10.05
N ILE C 113 3.08 25.27 -9.08
CA ILE C 113 3.58 26.56 -8.64
C ILE C 113 4.87 26.39 -7.85
N HIS C 114 5.11 25.21 -7.26
CA HIS C 114 6.39 24.94 -6.63
C HIS C 114 7.52 24.83 -7.65
N ALA C 115 7.23 24.27 -8.83
CA ALA C 115 8.22 24.07 -9.88
C ALA C 115 8.33 25.27 -10.81
N LYS C 116 7.96 26.46 -10.34
CA LYS C 116 8.03 27.69 -11.14
C LYS C 116 7.22 27.55 -12.43
N ARG C 117 6.04 26.95 -12.33
CA ARG C 117 5.16 26.73 -13.47
C ARG C 117 3.74 27.12 -13.11
N VAL C 118 2.96 27.44 -14.13
CA VAL C 118 1.53 27.68 -14.00
C VAL C 118 0.73 26.53 -14.60
N THR C 119 1.10 26.11 -15.81
CA THR C 119 0.48 24.94 -16.43
C THR C 119 0.79 23.70 -15.61
N ILE C 120 -0.22 22.88 -15.37
CA ILE C 120 -0.05 21.60 -14.68
C ILE C 120 0.16 20.52 -15.72
N MET C 121 1.01 19.55 -15.39
CA MET C 121 1.39 18.46 -16.27
C MET C 121 1.14 17.13 -15.59
N PRO C 122 1.06 16.03 -16.35
CA PRO C 122 0.86 14.72 -15.71
C PRO C 122 1.94 14.39 -14.69
N LYS C 123 3.14 14.95 -14.85
CA LYS C 123 4.16 14.81 -13.82
C LYS C 123 3.66 15.37 -12.49
N ASP C 124 2.94 16.49 -12.52
CA ASP C 124 2.44 17.10 -11.29
C ASP C 124 1.44 16.20 -10.59
N ILE C 125 0.46 15.66 -11.33
CA ILE C 125 -0.51 14.76 -10.73
C ILE C 125 0.17 13.50 -10.22
N GLN C 126 1.12 12.97 -10.99
CA GLN C 126 1.82 11.76 -10.56
C GLN C 126 2.58 12.01 -9.27
N LEU C 127 3.24 13.16 -9.15
CA LEU C 127 3.96 13.47 -7.92
C LEU C 127 3.01 13.66 -6.75
N ALA C 128 1.89 14.36 -6.98
CA ALA C 128 0.94 14.58 -5.90
C ALA C 128 0.38 13.26 -5.38
N ARG C 129 0.04 12.35 -6.29
CA ARG C 129 -0.44 11.03 -5.88
C ARG C 129 0.66 10.24 -5.20
N ARG C 130 1.90 10.34 -5.70
CA ARG C 130 3.00 9.56 -5.15
C ARG C 130 3.33 9.97 -3.72
N ILE C 131 3.29 11.27 -3.43
CA ILE C 131 3.57 11.73 -2.07
C ILE C 131 2.30 11.89 -1.24
N ARG C 132 1.14 11.59 -1.80
CA ARG C 132 -0.09 11.49 -1.03
C ARG C 132 -0.38 10.08 -0.56
N GLY C 133 0.45 9.10 -0.95
CA GLY C 133 0.26 7.73 -0.57
C GLY C 133 -0.38 6.85 -1.63
N GLU C 134 -1.03 7.45 -2.62
CA GLU C 134 -1.68 6.67 -3.67
C GLU C 134 -0.66 6.11 -4.64
N ASP D 25 -16.17 3.55 -25.00
CA ASP D 25 -15.66 4.74 -24.33
C ASP D 25 -16.75 5.37 -23.47
N ASN D 26 -17.13 4.69 -22.39
CA ASN D 26 -18.18 5.17 -21.52
C ASN D 26 -17.69 6.21 -20.52
N ILE D 27 -16.38 6.42 -20.40
CA ILE D 27 -15.84 7.42 -19.49
C ILE D 27 -15.67 8.78 -20.14
N GLN D 28 -15.82 8.87 -21.47
CA GLN D 28 -15.71 10.15 -22.15
C GLN D 28 -16.83 11.11 -21.78
N GLY D 29 -17.89 10.63 -21.12
CA GLY D 29 -18.89 11.52 -20.58
C GLY D 29 -18.33 12.50 -19.57
N ILE D 30 -17.21 12.17 -18.96
CA ILE D 30 -16.47 13.11 -18.12
C ILE D 30 -15.67 13.98 -19.08
N THR D 31 -16.27 15.09 -19.50
CA THR D 31 -15.77 15.83 -20.64
C THR D 31 -14.56 16.68 -20.27
N LYS D 32 -13.89 17.20 -21.30
CA LYS D 32 -12.77 18.10 -21.07
C LYS D 32 -13.15 19.34 -20.28
N PRO D 33 -14.22 20.08 -20.61
CA PRO D 33 -14.59 21.22 -19.77
C PRO D 33 -14.98 20.84 -18.36
N ALA D 34 -15.46 19.62 -18.13
CA ALA D 34 -15.73 19.20 -16.75
C ALA D 34 -14.44 19.12 -15.94
N ILE D 35 -13.39 18.56 -16.54
CA ILE D 35 -12.09 18.51 -15.84
C ILE D 35 -11.52 19.90 -15.67
N ARG D 36 -11.72 20.78 -16.68
CA ARG D 36 -11.27 22.16 -16.53
C ARG D 36 -11.99 22.86 -15.40
N ARG D 37 -13.30 22.65 -15.27
CA ARG D 37 -14.07 23.24 -14.18
C ARG D 37 -13.60 22.70 -12.83
N LEU D 38 -13.33 21.40 -12.76
CA LEU D 38 -12.82 20.82 -11.52
C LEU D 38 -11.48 21.43 -11.14
N ALA D 39 -10.58 21.57 -12.11
CA ALA D 39 -9.27 22.13 -11.83
C ALA D 39 -9.37 23.59 -11.41
N ARG D 40 -10.20 24.37 -12.09
CA ARG D 40 -10.34 25.78 -11.72
C ARG D 40 -11.09 25.96 -10.41
N ARG D 41 -11.89 24.97 -10.00
CA ARG D 41 -12.38 24.94 -8.64
C ARG D 41 -11.26 24.61 -7.66
N GLY D 42 -10.28 23.83 -8.11
CA GLY D 42 -9.10 23.54 -7.32
C GLY D 42 -8.01 24.58 -7.37
N GLY D 43 -8.24 25.68 -8.10
CA GLY D 43 -7.29 26.78 -8.14
C GLY D 43 -6.32 26.75 -9.31
N VAL D 44 -6.37 25.72 -10.15
CA VAL D 44 -5.47 25.63 -11.30
C VAL D 44 -5.80 26.73 -12.30
N LYS D 45 -4.78 27.38 -12.83
CA LYS D 45 -4.94 28.46 -13.79
C LYS D 45 -4.76 28.00 -15.24
N ARG D 46 -3.81 27.11 -15.50
CA ARG D 46 -3.55 26.62 -16.84
C ARG D 46 -3.42 25.11 -16.80
N ILE D 47 -3.99 24.43 -17.79
CA ILE D 47 -4.10 22.97 -17.80
C ILE D 47 -3.52 22.45 -19.12
N SER D 48 -2.62 21.48 -19.03
CA SER D 48 -2.05 20.91 -20.24
C SER D 48 -2.97 19.84 -20.82
N GLY D 49 -2.67 19.45 -22.06
CA GLY D 49 -3.55 18.54 -22.78
C GLY D 49 -3.63 17.15 -22.18
N LEU D 50 -2.51 16.60 -21.73
CA LEU D 50 -2.49 15.26 -21.18
C LEU D 50 -3.10 15.18 -19.79
N ILE D 51 -3.34 16.33 -19.15
CA ILE D 51 -3.98 16.34 -17.84
C ILE D 51 -5.37 15.74 -17.91
N TYR D 52 -6.08 15.98 -19.01
CA TYR D 52 -7.44 15.43 -19.13
C TYR D 52 -7.42 13.92 -19.10
N GLU D 53 -6.53 13.29 -19.87
CA GLU D 53 -6.45 11.84 -19.87
C GLU D 53 -5.96 11.30 -18.53
N GLU D 54 -4.97 11.96 -17.93
CA GLU D 54 -4.47 11.49 -16.64
C GLU D 54 -5.55 11.58 -15.56
N THR D 55 -6.30 12.68 -15.54
CA THR D 55 -7.38 12.85 -14.57
C THR D 55 -8.49 11.84 -14.81
N ARG D 56 -8.80 11.57 -16.09
CA ARG D 56 -9.80 10.55 -16.39
C ARG D 56 -9.37 9.19 -15.85
N GLY D 57 -8.10 8.83 -16.04
CA GLY D 57 -7.62 7.57 -15.49
C GLY D 57 -7.65 7.53 -13.98
N VAL D 58 -7.26 8.65 -13.34
CA VAL D 58 -7.26 8.71 -11.88
C VAL D 58 -8.67 8.55 -11.34
N LEU D 59 -9.63 9.25 -11.93
CA LEU D 59 -11.01 9.12 -11.48
C LEU D 59 -11.56 7.73 -11.76
N LYS D 60 -11.16 7.11 -12.87
CA LYS D 60 -11.61 5.74 -13.12
C LYS D 60 -11.08 4.81 -12.03
N VAL D 61 -9.83 4.98 -11.63
CA VAL D 61 -9.28 4.14 -10.55
C VAL D 61 -10.04 4.38 -9.25
N PHE D 62 -10.27 5.64 -8.92
CA PHE D 62 -10.96 5.96 -7.67
C PHE D 62 -12.39 5.41 -7.66
N LEU D 63 -13.12 5.60 -8.76
CA LEU D 63 -14.47 5.06 -8.85
C LEU D 63 -14.46 3.54 -8.81
N GLU D 64 -13.49 2.91 -9.47
CA GLU D 64 -13.41 1.46 -9.42
C GLU D 64 -13.26 0.99 -7.98
N ASN D 65 -12.36 1.61 -7.22
CA ASN D 65 -12.15 1.20 -5.84
C ASN D 65 -13.41 1.43 -5.00
N VAL D 66 -13.99 2.63 -5.09
CA VAL D 66 -15.13 2.95 -4.24
C VAL D 66 -16.34 2.10 -4.59
N ILE D 67 -16.59 1.91 -5.88
CA ILE D 67 -17.73 1.10 -6.31
C ILE D 67 -17.52 -0.36 -5.96
N ARG D 68 -16.28 -0.85 -6.05
CA ARG D 68 -16.00 -2.22 -5.61
C ARG D 68 -16.35 -2.38 -4.13
N ASP D 69 -15.91 -1.43 -3.30
CA ASP D 69 -16.23 -1.51 -1.88
C ASP D 69 -17.74 -1.41 -1.65
N ALA D 70 -18.41 -0.52 -2.38
CA ALA D 70 -19.85 -0.34 -2.19
C ALA D 70 -20.63 -1.59 -2.58
N VAL D 71 -20.28 -2.21 -3.71
CA VAL D 71 -20.99 -3.41 -4.12
C VAL D 71 -20.66 -4.58 -3.21
N THR D 72 -19.44 -4.62 -2.66
CA THR D 72 -19.13 -5.64 -1.66
C THR D 72 -20.00 -5.46 -0.42
N TYR D 73 -20.17 -4.22 0.04
CA TYR D 73 -21.04 -3.97 1.19
C TYR D 73 -22.48 -4.35 0.87
N THR D 74 -22.95 -4.01 -0.35
CA THR D 74 -24.31 -4.36 -0.74
C THR D 74 -24.51 -5.86 -0.78
N GLU D 75 -23.55 -6.60 -1.32
CA GLU D 75 -23.64 -8.06 -1.31
C GLU D 75 -23.64 -8.60 0.10
N HIS D 76 -22.86 -7.98 0.99
CA HIS D 76 -22.84 -8.41 2.39
C HIS D 76 -24.20 -8.22 3.05
N ALA D 77 -24.88 -7.12 2.74
CA ALA D 77 -26.18 -6.83 3.35
C ALA D 77 -27.33 -7.54 2.66
N LYS D 78 -27.06 -8.36 1.64
CA LYS D 78 -28.07 -9.12 0.92
C LYS D 78 -29.11 -8.18 0.29
N ARG D 79 -28.62 -7.32 -0.60
CA ARG D 79 -29.48 -6.37 -1.29
C ARG D 79 -29.11 -6.33 -2.77
N LYS D 80 -30.08 -5.92 -3.58
CA LYS D 80 -29.90 -5.83 -5.02
C LYS D 80 -29.68 -4.40 -5.50
N THR D 81 -29.52 -3.44 -4.60
CA THR D 81 -29.23 -2.07 -4.97
C THR D 81 -28.25 -1.45 -4.00
N VAL D 82 -27.51 -0.45 -4.47
CA VAL D 82 -26.53 0.25 -3.65
C VAL D 82 -27.18 1.51 -3.10
N THR D 83 -27.24 1.61 -1.77
CA THR D 83 -27.83 2.76 -1.12
C THR D 83 -26.74 3.73 -0.67
N ALA D 84 -27.16 4.83 -0.05
CA ALA D 84 -26.20 5.86 0.37
C ALA D 84 -25.24 5.33 1.43
N MET D 85 -25.73 4.44 2.30
CA MET D 85 -24.88 3.92 3.36
C MET D 85 -23.72 3.10 2.79
N ASP D 86 -23.97 2.33 1.73
CA ASP D 86 -22.89 1.56 1.11
C ASP D 86 -21.79 2.47 0.59
N VAL D 87 -22.18 3.56 -0.09
CA VAL D 87 -21.20 4.49 -0.63
C VAL D 87 -20.45 5.19 0.50
N VAL D 88 -21.17 5.56 1.56
CA VAL D 88 -20.53 6.22 2.69
C VAL D 88 -19.49 5.31 3.34
N TYR D 89 -19.84 4.03 3.52
CA TYR D 89 -18.90 3.09 4.10
C TYR D 89 -17.72 2.84 3.17
N ALA D 90 -17.97 2.81 1.86
CA ALA D 90 -16.86 2.66 0.91
C ALA D 90 -15.90 3.83 0.99
N LEU D 91 -16.43 5.05 1.08
CA LEU D 91 -15.56 6.22 1.22
C LEU D 91 -14.83 6.20 2.55
N LYS D 92 -15.49 5.72 3.61
CA LYS D 92 -14.81 5.57 4.89
C LYS D 92 -13.64 4.60 4.78
N ARG D 93 -13.82 3.51 4.02
CA ARG D 93 -12.71 2.60 3.75
C ARG D 93 -11.61 3.31 2.97
N GLN D 94 -11.97 4.14 2.00
CA GLN D 94 -10.98 4.87 1.21
C GLN D 94 -10.27 5.95 2.01
N GLY D 95 -10.79 6.33 3.19
CA GLY D 95 -10.15 7.32 4.02
C GLY D 95 -10.58 8.75 3.77
N ARG D 96 -11.70 8.97 3.10
CA ARG D 96 -12.19 10.32 2.86
C ARG D 96 -12.62 10.98 4.16
N THR E 59 -7.14 -29.45 9.19
CA THR E 59 -7.57 -30.45 10.16
C THR E 59 -7.81 -29.82 11.53
N GLU E 60 -7.31 -30.46 12.57
CA GLU E 60 -7.47 -29.95 13.93
C GLU E 60 -6.72 -28.63 14.08
N LEU E 61 -7.30 -27.73 14.87
CA LEU E 61 -6.69 -26.42 15.07
C LEU E 61 -5.41 -26.53 15.88
N LEU E 62 -4.50 -25.59 15.64
CA LEU E 62 -3.21 -25.57 16.31
C LEU E 62 -3.12 -24.55 17.44
N ILE E 63 -3.97 -23.53 17.43
CA ILE E 63 -4.00 -22.55 18.50
C ILE E 63 -5.12 -22.93 19.46
N ARG E 64 -4.86 -22.79 20.76
CA ARG E 64 -5.90 -23.06 21.75
C ARG E 64 -7.06 -22.09 21.56
N LYS E 65 -8.27 -22.62 21.64
CA LYS E 65 -9.46 -21.85 21.24
C LYS E 65 -9.66 -20.64 22.13
N LEU E 66 -9.70 -20.84 23.44
CA LEU E 66 -10.08 -19.79 24.39
C LEU E 66 -9.12 -18.60 24.39
N PRO E 67 -7.79 -18.81 24.40
CA PRO E 67 -6.89 -17.64 24.30
C PRO E 67 -7.11 -16.83 23.04
N PHE E 68 -7.37 -17.49 21.90
CA PHE E 68 -7.60 -16.75 20.67
C PHE E 68 -8.94 -16.01 20.71
N GLN E 69 -9.96 -16.64 21.29
CA GLN E 69 -11.24 -15.95 21.47
C GLN E 69 -11.06 -14.70 22.32
N ARG E 70 -10.30 -14.81 23.41
CA ARG E 70 -10.07 -13.66 24.27
C ARG E 70 -9.28 -12.58 23.55
N LEU E 71 -8.29 -12.98 22.74
CA LEU E 71 -7.51 -11.99 22.00
C LEU E 71 -8.38 -11.26 20.98
N VAL E 72 -9.23 -12.00 20.26
CA VAL E 72 -10.11 -11.38 19.28
C VAL E 72 -11.07 -10.42 19.96
N ARG E 73 -11.63 -10.83 21.11
CA ARG E 73 -12.56 -9.96 21.82
C ARG E 73 -11.85 -8.71 22.36
N GLU E 74 -10.60 -8.86 22.80
CA GLU E 74 -9.84 -7.70 23.27
C GLU E 74 -9.58 -6.73 22.12
N ILE E 75 -9.23 -7.24 20.94
CA ILE E 75 -9.01 -6.37 19.79
C ILE E 75 -10.30 -5.65 19.41
N ALA E 76 -11.42 -6.39 19.42
CA ALA E 76 -12.70 -5.76 19.10
C ALA E 76 -13.07 -4.68 20.11
N GLN E 77 -12.86 -4.96 21.40
CA GLN E 77 -13.11 -3.96 22.43
C GLN E 77 -12.23 -2.73 22.21
N ASP E 78 -10.99 -2.94 21.77
CA ASP E 78 -10.14 -1.82 21.39
C ASP E 78 -10.75 -1.03 20.24
N PHE E 79 -11.37 -1.73 19.29
CA PHE E 79 -11.98 -1.04 18.15
C PHE E 79 -13.38 -0.53 18.47
N LYS E 80 -14.29 -1.44 18.81
CA LYS E 80 -15.68 -1.08 19.08
C LYS E 80 -16.13 -1.82 20.34
N THR E 81 -16.44 -1.06 21.39
CA THR E 81 -16.78 -1.64 22.67
C THR E 81 -18.18 -2.27 22.63
N ASP E 82 -18.41 -3.21 23.54
CA ASP E 82 -19.70 -3.87 23.72
C ASP E 82 -20.15 -4.55 22.43
N LEU E 83 -19.28 -5.39 21.87
CA LEU E 83 -19.56 -6.12 20.64
C LEU E 83 -19.57 -7.62 20.93
N ARG E 84 -20.66 -8.28 20.54
CA ARG E 84 -20.79 -9.72 20.72
C ARG E 84 -20.27 -10.44 19.48
N PHE E 85 -19.63 -11.59 19.70
CA PHE E 85 -19.06 -12.37 18.61
C PHE E 85 -19.81 -13.69 18.49
N GLN E 86 -20.27 -13.98 17.28
CA GLN E 86 -20.80 -15.31 16.99
C GLN E 86 -19.67 -16.33 17.03
N SER E 87 -19.95 -17.50 17.60
CA SER E 87 -18.91 -18.51 17.76
C SER E 87 -18.38 -18.96 16.40
N SER E 88 -19.26 -19.05 15.41
CA SER E 88 -18.81 -19.41 14.06
C SER E 88 -17.88 -18.34 13.49
N ALA E 89 -18.14 -17.07 13.79
CA ALA E 89 -17.25 -16.00 13.31
C ALA E 89 -15.87 -16.13 13.93
N VAL E 90 -15.80 -16.42 15.23
CA VAL E 90 -14.50 -16.59 15.88
C VAL E 90 -13.78 -17.81 15.35
N MET E 91 -14.53 -18.88 15.06
CA MET E 91 -13.91 -20.07 14.48
C MET E 91 -13.37 -19.79 13.08
N ALA E 92 -14.10 -19.02 12.29
CA ALA E 92 -13.61 -18.63 10.97
C ALA E 92 -12.37 -17.75 11.08
N LEU E 93 -12.35 -16.85 12.06
CA LEU E 93 -11.15 -16.05 12.29
C LEU E 93 -9.98 -16.93 12.68
N GLN E 94 -10.22 -17.93 13.53
CA GLN E 94 -9.18 -18.86 13.93
C GLN E 94 -8.61 -19.61 12.74
N GLU E 95 -9.49 -20.13 11.88
CA GLU E 95 -9.03 -20.85 10.69
C GLU E 95 -8.28 -19.93 9.75
N ALA E 96 -8.74 -18.70 9.59
CA ALA E 96 -8.06 -17.75 8.72
C ALA E 96 -6.67 -17.41 9.23
N CYS E 97 -6.55 -17.18 10.54
CA CYS E 97 -5.24 -16.88 11.12
C CYS E 97 -4.31 -18.07 11.01
N GLU E 98 -4.81 -19.28 11.24
CA GLU E 98 -3.98 -20.46 11.11
C GLU E 98 -3.50 -20.63 9.67
N ALA E 99 -4.39 -20.46 8.69
CA ALA E 99 -3.99 -20.58 7.29
C ALA E 99 -2.98 -19.52 6.91
N TYR E 100 -3.20 -18.28 7.36
CA TYR E 100 -2.27 -17.21 7.05
C TYR E 100 -0.89 -17.47 7.64
N LEU E 101 -0.84 -17.92 8.90
CA LEU E 101 0.46 -18.20 9.52
C LEU E 101 1.12 -19.41 8.87
N VAL E 102 0.35 -20.42 8.47
CA VAL E 102 0.93 -21.56 7.79
C VAL E 102 1.54 -21.15 6.46
N GLY E 103 0.83 -20.34 5.68
CA GLY E 103 1.39 -19.85 4.43
C GLY E 103 2.62 -18.99 4.63
N LEU E 104 2.57 -18.09 5.61
CA LEU E 104 3.72 -17.24 5.90
C LEU E 104 4.92 -18.05 6.32
N PHE E 105 4.70 -19.09 7.13
CA PHE E 105 5.82 -19.92 7.57
C PHE E 105 6.34 -20.80 6.44
N GLU E 106 5.47 -21.23 5.53
CA GLU E 106 5.95 -21.94 4.34
C GLU E 106 6.87 -21.06 3.50
N ASP E 107 6.44 -19.82 3.26
CA ASP E 107 7.27 -18.90 2.48
C ASP E 107 8.57 -18.58 3.22
N THR E 108 8.49 -18.41 4.54
CA THR E 108 9.69 -18.13 5.33
C THR E 108 10.65 -19.31 5.31
N ASN E 109 10.13 -20.54 5.38
CA ASN E 109 10.99 -21.70 5.28
C ASN E 109 11.65 -21.80 3.92
N LEU E 110 10.90 -21.48 2.86
CA LEU E 110 11.50 -21.45 1.52
C LEU E 110 12.64 -20.45 1.46
N CYS E 111 12.41 -19.24 2.00
CA CYS E 111 13.46 -18.23 2.02
C CYS E 111 14.67 -18.69 2.80
N ALA E 112 14.45 -19.30 3.97
CA ALA E 112 15.56 -19.74 4.81
C ALA E 112 16.36 -20.85 4.14
N ILE E 113 15.67 -21.86 3.60
CA ILE E 113 16.35 -22.95 2.91
C ILE E 113 17.14 -22.42 1.72
N HIS E 114 16.60 -21.38 1.06
CA HIS E 114 17.37 -20.73 0.00
C HIS E 114 18.67 -20.15 0.53
N ALA E 115 18.65 -19.60 1.73
CA ALA E 115 19.82 -18.97 2.33
C ALA E 115 20.78 -19.99 2.95
N LYS E 116 20.66 -21.26 2.59
CA LYS E 116 21.55 -22.32 3.07
C LYS E 116 21.52 -22.47 4.57
N ARG E 117 20.37 -22.19 5.19
CA ARG E 117 20.19 -22.37 6.62
C ARG E 117 18.82 -22.96 6.89
N VAL E 118 18.71 -23.73 7.96
CA VAL E 118 17.44 -24.35 8.32
C VAL E 118 16.66 -23.49 9.31
N THR E 119 17.35 -22.98 10.33
CA THR E 119 16.71 -22.13 11.34
C THR E 119 16.17 -20.85 10.70
N ILE E 120 14.85 -20.70 10.65
CA ILE E 120 14.26 -19.49 10.11
C ILE E 120 14.44 -18.36 11.12
N MET E 121 14.68 -17.15 10.62
CA MET E 121 14.98 -15.99 11.44
C MET E 121 14.07 -14.85 11.04
N PRO E 122 13.86 -13.86 11.94
CA PRO E 122 12.95 -12.76 11.62
C PRO E 122 13.27 -12.05 10.32
N LYS E 123 14.53 -12.13 9.89
CA LYS E 123 14.88 -11.63 8.57
C LYS E 123 14.11 -12.38 7.48
N ASP E 124 13.98 -13.70 7.63
CA ASP E 124 13.24 -14.48 6.64
C ASP E 124 11.77 -14.09 6.60
N ILE E 125 11.15 -13.91 7.77
CA ILE E 125 9.75 -13.51 7.84
C ILE E 125 9.56 -12.13 7.22
N GLN E 126 10.46 -11.19 7.54
CA GLN E 126 10.40 -9.86 6.97
C GLN E 126 10.52 -9.90 5.45
N LEU E 127 11.46 -10.70 4.94
CA LEU E 127 11.63 -10.81 3.49
C LEU E 127 10.39 -11.40 2.84
N ALA E 128 9.82 -12.44 3.45
CA ALA E 128 8.62 -13.05 2.89
C ALA E 128 7.46 -12.06 2.86
N ARG E 129 7.32 -11.26 3.91
CA ARG E 129 6.24 -10.27 3.93
C ARG E 129 6.47 -9.16 2.91
N ARG E 130 7.72 -8.72 2.74
CA ARG E 130 8.01 -7.70 1.74
C ARG E 130 7.75 -8.21 0.33
N ILE E 131 8.12 -9.47 0.05
CA ILE E 131 7.88 -10.02 -1.27
C ILE E 131 6.38 -10.15 -1.55
N ARG E 132 5.63 -10.64 -0.57
CA ARG E 132 4.19 -10.84 -0.75
C ARG E 132 3.41 -9.53 -0.83
N GLY E 133 4.04 -8.41 -0.52
CA GLY E 133 3.38 -7.12 -0.58
C GLY E 133 2.83 -6.61 0.73
N GLU E 134 3.15 -7.24 1.85
CA GLU E 134 2.65 -6.80 3.15
C GLU E 134 3.64 -5.83 3.81
N ARG F 24 -5.90 -6.41 28.56
CA ARG F 24 -4.52 -6.66 28.96
C ARG F 24 -3.67 -7.10 27.77
N ASP F 25 -2.40 -7.38 28.03
CA ASP F 25 -1.48 -7.86 26.99
C ASP F 25 -1.79 -9.33 26.71
N ASN F 26 -2.82 -9.55 25.91
CA ASN F 26 -3.34 -10.88 25.64
C ASN F 26 -2.73 -11.49 24.37
N ILE F 27 -1.92 -10.72 23.64
CA ILE F 27 -1.28 -11.27 22.45
C ILE F 27 -0.29 -12.38 22.82
N GLN F 28 0.26 -12.32 24.04
CA GLN F 28 1.11 -13.40 24.53
C GLN F 28 0.34 -14.68 24.80
N GLY F 29 -1.00 -14.62 24.79
CA GLY F 29 -1.80 -15.82 24.91
C GLY F 29 -1.62 -16.78 23.75
N ILE F 30 -1.11 -16.31 22.61
CA ILE F 30 -0.70 -17.18 21.52
C ILE F 30 0.56 -17.90 21.97
N THR F 31 0.41 -19.12 22.46
CA THR F 31 1.49 -19.81 23.15
C THR F 31 2.63 -20.13 22.20
N LYS F 32 3.84 -20.15 22.76
CA LYS F 32 5.01 -20.56 21.99
C LYS F 32 4.85 -21.93 21.35
N PRO F 33 4.37 -22.97 22.04
CA PRO F 33 4.11 -24.23 21.34
C PRO F 33 3.11 -24.12 20.20
N ALA F 34 2.13 -23.21 20.31
CA ALA F 34 1.19 -23.03 19.21
C ALA F 34 1.90 -22.51 17.96
N ILE F 35 2.79 -21.53 18.12
CA ILE F 35 3.54 -21.01 16.99
C ILE F 35 4.48 -22.08 16.43
N ARG F 36 5.10 -22.87 17.32
CA ARG F 36 5.96 -23.94 16.85
C ARG F 36 5.19 -24.98 16.06
N ARG F 37 3.98 -25.33 16.52
CA ARG F 37 3.15 -26.28 15.80
C ARG F 37 2.71 -25.71 14.45
N LEU F 38 2.38 -24.42 14.41
CA LEU F 38 2.02 -23.79 13.14
C LEU F 38 3.18 -23.81 12.16
N ALA F 39 4.39 -23.55 12.65
CA ALA F 39 5.57 -23.58 11.78
C ALA F 39 5.86 -24.99 11.29
N ARG F 40 5.83 -25.98 12.19
CA ARG F 40 6.07 -27.35 11.78
C ARG F 40 4.98 -27.87 10.86
N ARG F 41 3.78 -27.29 10.92
CA ARG F 41 2.76 -27.60 9.92
C ARG F 41 3.20 -27.13 8.54
N GLY F 42 3.85 -25.98 8.47
CA GLY F 42 4.37 -25.47 7.21
C GLY F 42 5.67 -26.10 6.74
N GLY F 43 6.24 -27.00 7.53
CA GLY F 43 7.44 -27.72 7.14
C GLY F 43 8.74 -27.20 7.73
N VAL F 44 8.68 -26.21 8.62
CA VAL F 44 9.90 -25.66 9.20
C VAL F 44 10.48 -26.65 10.20
N LYS F 45 11.80 -26.77 10.21
CA LYS F 45 12.47 -27.72 11.09
C LYS F 45 13.17 -27.09 12.28
N ARG F 46 13.41 -25.78 12.25
CA ARG F 46 14.06 -25.10 13.37
C ARG F 46 13.51 -23.68 13.47
N ILE F 47 13.23 -23.25 14.69
CA ILE F 47 12.61 -21.95 14.96
C ILE F 47 13.56 -21.13 15.82
N SER F 48 13.90 -19.93 15.34
CA SER F 48 14.72 -19.04 16.14
C SER F 48 13.92 -18.46 17.30
N GLY F 49 14.62 -18.06 18.35
CA GLY F 49 13.95 -17.51 19.52
C GLY F 49 13.21 -16.23 19.22
N LEU F 50 13.71 -15.42 18.29
CA LEU F 50 13.07 -14.17 17.92
C LEU F 50 11.94 -14.37 16.90
N ILE F 51 11.72 -15.60 16.43
CA ILE F 51 10.58 -15.87 15.56
C ILE F 51 9.27 -15.65 16.29
N TYR F 52 9.21 -16.01 17.57
CA TYR F 52 7.95 -16.00 18.29
C TYR F 52 7.37 -14.60 18.42
N GLU F 53 8.22 -13.63 18.79
CA GLU F 53 7.73 -12.27 18.94
C GLU F 53 7.32 -11.66 17.61
N GLU F 54 8.13 -11.87 16.56
CA GLU F 54 7.78 -11.36 15.24
C GLU F 54 6.49 -11.97 14.73
N THR F 55 6.32 -13.29 14.95
CA THR F 55 5.10 -13.96 14.54
C THR F 55 3.89 -13.44 15.30
N ARG F 56 4.05 -13.18 16.61
CA ARG F 56 2.94 -12.61 17.37
C ARG F 56 2.58 -11.23 16.86
N GLY F 57 3.59 -10.41 16.53
CA GLY F 57 3.30 -9.11 15.97
C GLY F 57 2.60 -9.17 14.63
N VAL F 58 3.06 -10.06 13.75
CA VAL F 58 2.44 -10.21 12.43
C VAL F 58 1.02 -10.71 12.57
N LEU F 59 0.79 -11.69 13.45
CA LEU F 59 -0.54 -12.20 13.69
C LEU F 59 -1.46 -11.12 14.26
N LYS F 60 -0.93 -10.30 15.17
CA LYS F 60 -1.75 -9.21 15.71
C LYS F 60 -2.10 -8.21 14.62
N VAL F 61 -1.16 -7.90 13.72
CA VAL F 61 -1.46 -6.95 12.64
C VAL F 61 -2.55 -7.52 11.73
N PHE F 62 -2.40 -8.78 11.32
CA PHE F 62 -3.38 -9.39 10.44
C PHE F 62 -4.75 -9.49 11.12
N LEU F 63 -4.76 -9.88 12.40
CA LEU F 63 -6.01 -10.01 13.13
C LEU F 63 -6.67 -8.67 13.34
N GLU F 64 -5.88 -7.63 13.61
CA GLU F 64 -6.45 -6.29 13.74
C GLU F 64 -7.08 -5.84 12.43
N ASN F 65 -6.41 -6.09 11.30
CA ASN F 65 -6.98 -5.71 10.02
C ASN F 65 -8.30 -6.44 9.77
N VAL F 66 -8.31 -7.76 9.97
CA VAL F 66 -9.51 -8.53 9.67
C VAL F 66 -10.63 -8.18 10.63
N ILE F 67 -10.31 -7.97 11.91
CA ILE F 67 -11.34 -7.62 12.88
C ILE F 67 -11.89 -6.22 12.61
N ARG F 68 -11.03 -5.30 12.19
CA ARG F 68 -11.52 -3.97 11.81
C ARG F 68 -12.49 -4.07 10.64
N ASP F 69 -12.14 -4.87 9.63
CA ASP F 69 -13.06 -5.05 8.50
C ASP F 69 -14.36 -5.68 8.94
N ALA F 70 -14.29 -6.71 9.80
CA ALA F 70 -15.51 -7.38 10.26
C ALA F 70 -16.38 -6.44 11.08
N VAL F 71 -15.77 -5.62 11.94
CA VAL F 71 -16.52 -4.66 12.74
C VAL F 71 -17.18 -3.63 11.84
N THR F 72 -16.47 -3.17 10.81
CA THR F 72 -17.07 -2.21 9.88
C THR F 72 -18.26 -2.84 9.15
N TYR F 73 -18.12 -4.09 8.72
CA TYR F 73 -19.23 -4.77 8.04
C TYR F 73 -20.42 -4.93 8.97
N THR F 74 -20.16 -5.28 10.24
CA THR F 74 -21.25 -5.42 11.20
C THR F 74 -21.94 -4.09 11.45
N GLU F 75 -21.16 -3.01 11.58
CA GLU F 75 -21.75 -1.70 11.75
C GLU F 75 -22.60 -1.30 10.55
N HIS F 76 -22.15 -1.67 9.35
CA HIS F 76 -22.94 -1.40 8.15
C HIS F 76 -24.28 -2.12 8.19
N ALA F 77 -24.29 -3.36 8.65
CA ALA F 77 -25.52 -4.15 8.70
C ALA F 77 -26.42 -3.76 9.85
N LYS F 78 -26.06 -2.71 10.61
CA LYS F 78 -26.83 -2.26 11.76
C LYS F 78 -27.07 -3.40 12.76
N ARG F 79 -26.03 -4.20 12.97
CA ARG F 79 -26.09 -5.35 13.86
C ARG F 79 -25.16 -5.14 15.05
N LYS F 80 -25.34 -5.99 16.06
CA LYS F 80 -24.50 -5.97 17.25
C LYS F 80 -23.61 -7.19 17.38
N THR F 81 -23.88 -8.25 16.62
CA THR F 81 -23.14 -9.50 16.71
C THR F 81 -22.39 -9.73 15.40
N VAL F 82 -21.08 -9.92 15.48
CA VAL F 82 -20.28 -10.23 14.31
C VAL F 82 -20.53 -11.68 13.94
N THR F 83 -21.23 -11.91 12.84
CA THR F 83 -21.57 -13.26 12.42
C THR F 83 -20.49 -13.79 11.48
N ALA F 84 -20.68 -15.01 10.97
CA ALA F 84 -19.69 -15.61 10.08
C ALA F 84 -19.59 -14.87 8.76
N MET F 85 -20.69 -14.29 8.29
CA MET F 85 -20.66 -13.55 7.03
C MET F 85 -19.74 -12.36 7.10
N ASP F 86 -19.73 -11.65 8.24
CA ASP F 86 -18.86 -10.49 8.37
C ASP F 86 -17.38 -10.90 8.27
N VAL F 87 -17.01 -11.99 8.95
CA VAL F 87 -15.62 -12.44 8.89
C VAL F 87 -15.27 -12.93 7.49
N VAL F 88 -16.21 -13.63 6.84
CA VAL F 88 -15.95 -14.13 5.49
C VAL F 88 -15.74 -12.96 4.53
N TYR F 89 -16.56 -11.93 4.63
CA TYR F 89 -16.39 -10.76 3.77
C TYR F 89 -15.13 -9.99 4.12
N ALA F 90 -14.74 -9.96 5.40
CA ALA F 90 -13.48 -9.33 5.77
C ALA F 90 -12.30 -10.05 5.14
N LEU F 91 -12.33 -11.39 5.15
CA LEU F 91 -11.28 -12.15 4.48
C LEU F 91 -11.29 -11.93 2.98
N LYS F 92 -12.49 -11.88 2.38
CA LYS F 92 -12.58 -11.65 0.94
C LYS F 92 -11.99 -10.29 0.56
N ARG F 93 -12.28 -9.26 1.35
CA ARG F 93 -11.78 -7.92 1.05
C ARG F 93 -10.27 -7.82 1.16
N GLN F 94 -9.63 -8.71 1.92
CA GLN F 94 -8.19 -8.65 2.16
C GLN F 94 -7.56 -9.94 1.64
N GLY F 95 -7.02 -9.89 0.43
CA GLY F 95 -6.38 -11.04 -0.19
C GLY F 95 -7.36 -12.10 -0.64
N LEU G 62 14.58 -0.70 -20.62
CA LEU G 62 13.82 -0.41 -21.81
C LEU G 62 13.92 -1.57 -22.80
N ILE G 63 12.83 -1.85 -23.51
CA ILE G 63 12.76 -2.92 -24.50
C ILE G 63 12.42 -2.32 -25.85
N ARG G 64 13.20 -2.67 -26.87
CA ARG G 64 12.93 -2.22 -28.22
C ARG G 64 11.63 -2.83 -28.73
N LYS G 65 10.91 -2.08 -29.56
CA LYS G 65 9.59 -2.50 -29.99
C LYS G 65 9.64 -3.65 -31.00
N LEU G 66 10.69 -3.70 -31.84
CA LEU G 66 10.76 -4.74 -32.86
C LEU G 66 10.87 -6.15 -32.29
N PRO G 67 11.82 -6.46 -31.40
CA PRO G 67 11.86 -7.81 -30.84
C PRO G 67 10.64 -8.16 -30.02
N PHE G 68 10.05 -7.18 -29.31
CA PHE G 68 8.84 -7.44 -28.55
C PHE G 68 7.68 -7.77 -29.48
N GLN G 69 7.55 -7.06 -30.60
CA GLN G 69 6.54 -7.38 -31.60
C GLN G 69 6.77 -8.76 -32.19
N ARG G 70 8.03 -9.11 -32.46
CA ARG G 70 8.32 -10.44 -32.98
C ARG G 70 7.91 -11.52 -31.99
N LEU G 71 8.22 -11.31 -30.70
CA LEU G 71 7.88 -12.31 -29.69
C LEU G 71 6.37 -12.44 -29.53
N VAL G 72 5.64 -11.32 -29.51
CA VAL G 72 4.20 -11.41 -29.35
C VAL G 72 3.55 -12.04 -30.58
N ARG G 73 4.10 -11.77 -31.77
CA ARG G 73 3.59 -12.44 -32.97
C ARG G 73 3.83 -13.94 -32.90
N GLU G 74 5.02 -14.35 -32.44
CA GLU G 74 5.32 -15.77 -32.32
C GLU G 74 4.40 -16.44 -31.30
N ILE G 75 4.16 -15.79 -30.16
CA ILE G 75 3.31 -16.39 -29.14
C ILE G 75 1.86 -16.42 -29.59
N ALA G 76 1.43 -15.45 -30.40
CA ALA G 76 0.09 -15.49 -30.97
C ALA G 76 -0.03 -16.63 -31.98
N GLN G 77 1.02 -16.86 -32.77
CA GLN G 77 0.99 -17.96 -33.72
C GLN G 77 0.86 -19.30 -33.01
N ASP G 78 1.54 -19.46 -31.88
CA ASP G 78 1.50 -20.71 -31.13
C ASP G 78 0.28 -20.84 -30.23
N PHE G 79 -0.51 -19.77 -30.07
CA PHE G 79 -1.68 -19.81 -29.21
C PHE G 79 -2.98 -19.66 -30.00
N LYS G 80 -3.11 -18.60 -30.78
CA LYS G 80 -4.33 -18.37 -31.57
C LYS G 80 -3.96 -17.51 -32.77
N THR G 81 -3.92 -18.12 -33.96
CA THR G 81 -3.55 -17.41 -35.17
C THR G 81 -4.67 -16.49 -35.61
N ASP G 82 -4.45 -15.80 -36.73
CA ASP G 82 -5.41 -14.86 -37.31
C ASP G 82 -5.79 -13.78 -36.31
N LEU G 83 -4.77 -13.22 -35.66
CA LEU G 83 -4.95 -12.16 -34.67
C LEU G 83 -3.98 -11.03 -34.97
N ARG G 84 -4.44 -9.79 -34.76
CA ARG G 84 -3.65 -8.60 -35.07
C ARG G 84 -3.60 -7.69 -33.85
N PHE G 85 -2.41 -7.14 -33.59
CA PHE G 85 -2.19 -6.23 -32.49
C PHE G 85 -1.80 -4.85 -33.04
N GLN G 86 -2.36 -3.80 -32.43
CA GLN G 86 -2.08 -2.44 -32.85
C GLN G 86 -0.92 -1.86 -32.04
N SER G 87 -0.53 -0.62 -32.37
CA SER G 87 0.57 0.02 -31.67
C SER G 87 0.24 0.27 -30.21
N SER G 88 -1.00 0.70 -29.93
CA SER G 88 -1.40 0.96 -28.54
C SER G 88 -1.39 -0.33 -27.72
N ALA G 89 -1.85 -1.43 -28.32
CA ALA G 89 -1.89 -2.70 -27.60
C ALA G 89 -0.48 -3.17 -27.23
N VAL G 90 0.44 -3.12 -28.19
CA VAL G 90 1.81 -3.56 -27.89
C VAL G 90 2.50 -2.58 -26.95
N MET G 91 2.16 -1.29 -27.02
CA MET G 91 2.72 -0.34 -26.05
C MET G 91 2.24 -0.66 -24.64
N ALA G 92 0.96 -0.98 -24.47
CA ALA G 92 0.45 -1.37 -23.16
C ALA G 92 1.10 -2.65 -22.68
N LEU G 93 1.27 -3.63 -23.59
CA LEU G 93 1.92 -4.89 -23.22
C LEU G 93 3.36 -4.66 -22.79
N GLN G 94 4.08 -3.79 -23.49
CA GLN G 94 5.47 -3.53 -23.13
C GLN G 94 5.58 -2.75 -21.82
N GLU G 95 4.64 -1.84 -21.56
CA GLU G 95 4.62 -1.15 -20.27
C GLU G 95 4.36 -2.15 -19.12
N ALA G 96 3.40 -3.05 -19.33
CA ALA G 96 3.13 -4.09 -18.34
C ALA G 96 4.35 -4.98 -18.14
N CYS G 97 5.02 -5.34 -19.23
CA CYS G 97 6.24 -6.14 -19.15
C CYS G 97 7.31 -5.42 -18.34
N GLU G 98 7.51 -4.13 -18.61
CA GLU G 98 8.52 -3.37 -17.87
C GLU G 98 8.20 -3.35 -16.39
N ALA G 99 6.94 -3.07 -16.03
CA ALA G 99 6.56 -3.03 -14.63
C ALA G 99 6.75 -4.38 -13.96
N TYR G 100 6.28 -5.45 -14.61
CA TYR G 100 6.38 -6.78 -14.02
C TYR G 100 7.83 -7.20 -13.84
N LEU G 101 8.67 -6.96 -14.85
CA LEU G 101 10.07 -7.37 -14.75
C LEU G 101 10.83 -6.54 -13.72
N VAL G 102 10.56 -5.23 -13.62
CA VAL G 102 11.27 -4.46 -12.60
C VAL G 102 10.84 -4.89 -11.20
N GLY G 103 9.55 -5.19 -11.02
CA GLY G 103 9.12 -5.71 -9.72
C GLY G 103 9.74 -7.05 -9.39
N LEU G 104 9.75 -7.96 -10.37
CA LEU G 104 10.35 -9.27 -10.15
C LEU G 104 11.82 -9.16 -9.84
N PHE G 105 12.54 -8.30 -10.56
CA PHE G 105 13.98 -8.15 -10.31
C PHE G 105 14.25 -7.48 -8.98
N GLU G 106 13.40 -6.55 -8.55
CA GLU G 106 13.55 -5.99 -7.21
C GLU G 106 13.36 -7.06 -6.14
N ASP G 107 12.35 -7.93 -6.32
CA ASP G 107 12.13 -9.00 -5.36
C ASP G 107 13.32 -9.97 -5.33
N THR G 108 13.85 -10.32 -6.51
CA THR G 108 15.01 -11.20 -6.57
C THR G 108 16.23 -10.55 -5.96
N ASN G 109 16.40 -9.23 -6.13
CA ASN G 109 17.49 -8.52 -5.48
C ASN G 109 17.34 -8.57 -3.97
N LEU G 110 16.12 -8.38 -3.47
CA LEU G 110 15.89 -8.48 -2.03
C LEU G 110 16.27 -9.88 -1.53
N CYS G 111 15.90 -10.91 -2.29
CA CYS G 111 16.33 -12.27 -1.95
C CYS G 111 17.85 -12.39 -1.97
N ALA G 112 18.50 -11.72 -2.91
CA ALA G 112 19.95 -11.83 -3.05
C ALA G 112 20.67 -11.23 -1.85
N ILE G 113 20.32 -10.00 -1.47
CA ILE G 113 20.90 -9.44 -0.24
C ILE G 113 20.52 -10.28 0.97
N HIS G 114 19.31 -10.83 0.98
CA HIS G 114 18.96 -11.73 2.07
C HIS G 114 19.83 -12.98 2.08
N ALA G 115 20.35 -13.37 0.92
CA ALA G 115 21.15 -14.58 0.77
C ALA G 115 22.64 -14.34 0.96
N LYS G 116 23.04 -13.12 1.36
CA LYS G 116 24.45 -12.77 1.54
C LYS G 116 25.23 -12.95 0.24
N ARG G 117 24.64 -12.47 -0.86
CA ARG G 117 25.27 -12.55 -2.17
C ARG G 117 24.79 -11.37 -3.01
N VAL G 118 25.57 -11.05 -4.04
CA VAL G 118 25.23 -9.97 -4.95
C VAL G 118 24.72 -10.48 -6.30
N THR G 119 25.23 -11.61 -6.78
CA THR G 119 24.74 -12.17 -8.04
C THR G 119 23.31 -12.65 -7.88
N ILE G 120 22.48 -12.40 -8.89
CA ILE G 120 21.11 -12.86 -8.91
C ILE G 120 21.08 -14.11 -9.77
N MET G 121 21.24 -15.25 -9.12
CA MET G 121 21.25 -16.56 -9.77
C MET G 121 19.81 -16.95 -10.12
N PRO G 122 19.61 -18.09 -10.79
CA PRO G 122 18.24 -18.57 -11.00
C PRO G 122 17.47 -18.80 -9.71
N LYS G 123 18.15 -19.04 -8.59
CA LYS G 123 17.46 -19.30 -7.33
C LYS G 123 16.61 -18.11 -6.91
N ASP G 124 17.11 -16.89 -7.12
CA ASP G 124 16.33 -15.71 -6.75
C ASP G 124 15.07 -15.59 -7.61
N ILE G 125 15.19 -15.87 -8.91
CA ILE G 125 14.01 -15.87 -9.77
C ILE G 125 13.01 -16.93 -9.29
N GLN G 126 13.51 -18.11 -8.93
CA GLN G 126 12.64 -19.17 -8.45
C GLN G 126 11.91 -18.75 -7.18
N LEU G 127 12.61 -18.10 -6.25
CA LEU G 127 11.98 -17.61 -5.03
C LEU G 127 10.89 -16.59 -5.34
N ALA G 128 11.24 -15.58 -6.14
CA ALA G 128 10.26 -14.53 -6.43
C ALA G 128 9.05 -15.08 -7.16
N ARG G 129 9.23 -16.12 -7.97
CA ARG G 129 8.08 -16.73 -8.64
C ARG G 129 7.26 -17.58 -7.68
N ARG G 130 7.92 -18.33 -6.79
CA ARG G 130 7.20 -19.24 -5.90
C ARG G 130 6.42 -18.49 -4.84
N ILE G 131 7.03 -17.48 -4.23
CA ILE G 131 6.37 -16.77 -3.13
C ILE G 131 5.21 -15.93 -3.65
N ARG G 132 5.41 -15.23 -4.78
CA ARG G 132 4.39 -14.32 -5.29
C ARG G 132 3.14 -15.04 -5.78
N GLY G 133 3.21 -16.37 -5.99
CA GLY G 133 2.02 -17.11 -6.37
C GLY G 133 2.14 -17.81 -7.71
N GLU G 134 3.36 -18.15 -8.12
CA GLU G 134 3.58 -18.85 -9.38
C GLU G 134 4.48 -20.06 -9.18
N ILE H 30 13.42 -11.18 -27.66
CA ILE H 30 13.98 -10.66 -26.41
C ILE H 30 15.50 -10.62 -26.52
N THR H 31 16.09 -9.51 -26.05
CA THR H 31 17.52 -9.29 -26.15
C THR H 31 18.12 -9.15 -24.76
N LYS H 32 19.37 -9.61 -24.62
CA LYS H 32 20.09 -9.48 -23.36
C LYS H 32 20.25 -8.03 -22.90
N PRO H 33 20.64 -7.08 -23.75
CA PRO H 33 20.77 -5.69 -23.27
C PRO H 33 19.48 -5.13 -22.70
N ALA H 34 18.32 -5.45 -23.30
CA ALA H 34 17.05 -4.97 -22.76
C ALA H 34 16.81 -5.54 -21.37
N ILE H 35 17.12 -6.82 -21.17
CA ILE H 35 17.01 -7.41 -19.84
C ILE H 35 17.93 -6.72 -18.86
N ARG H 36 19.14 -6.34 -19.32
CA ARG H 36 20.06 -5.63 -18.45
C ARG H 36 19.52 -4.26 -18.05
N ARG H 37 18.92 -3.53 -19.02
CA ARG H 37 18.32 -2.25 -18.69
C ARG H 37 17.17 -2.41 -17.70
N LEU H 38 16.34 -3.43 -17.90
CA LEU H 38 15.23 -3.67 -16.97
C LEU H 38 15.76 -3.98 -15.57
N ALA H 39 16.80 -4.81 -15.48
CA ALA H 39 17.37 -5.13 -14.17
C ALA H 39 17.96 -3.90 -13.51
N ARG H 40 18.67 -3.06 -14.27
CA ARG H 40 19.25 -1.85 -13.71
C ARG H 40 18.15 -0.90 -13.22
N ARG H 41 17.06 -0.80 -13.98
CA ARG H 41 15.92 -0.01 -13.51
C ARG H 41 15.29 -0.63 -12.26
N GLY H 42 15.41 -1.94 -12.11
CA GLY H 42 14.88 -2.62 -10.94
C GLY H 42 15.79 -2.66 -9.73
N GLY H 43 16.94 -1.99 -9.78
CA GLY H 43 17.85 -1.98 -8.66
C GLY H 43 18.85 -3.12 -8.61
N VAL H 44 19.08 -3.79 -9.74
CA VAL H 44 19.99 -4.93 -9.81
C VAL H 44 21.41 -4.43 -10.03
N LYS H 45 22.36 -5.03 -9.30
CA LYS H 45 23.78 -4.71 -9.44
C LYS H 45 24.58 -5.78 -10.15
N ARG H 46 24.20 -7.06 -10.02
CA ARG H 46 24.92 -8.15 -10.64
C ARG H 46 23.92 -9.09 -11.32
N ILE H 47 24.35 -9.68 -12.42
CA ILE H 47 23.50 -10.52 -13.26
C ILE H 47 24.23 -11.81 -13.58
N SER H 48 23.53 -12.94 -13.44
CA SER H 48 24.11 -14.26 -13.68
C SER H 48 23.99 -14.62 -15.15
N GLY H 49 24.25 -15.88 -15.48
CA GLY H 49 24.20 -16.34 -16.86
C GLY H 49 22.87 -16.92 -17.30
N LEU H 50 22.36 -17.89 -16.55
CA LEU H 50 21.09 -18.53 -16.88
C LEU H 50 19.88 -17.65 -16.56
N ILE H 51 20.10 -16.52 -15.90
CA ILE H 51 19.00 -15.62 -15.56
C ILE H 51 18.36 -15.06 -16.81
N TYR H 52 19.13 -14.88 -17.89
CA TYR H 52 18.57 -14.39 -19.14
C TYR H 52 17.56 -15.39 -19.70
N GLU H 53 17.93 -16.67 -19.75
CA GLU H 53 17.02 -17.69 -20.25
C GLU H 53 15.79 -17.82 -19.35
N GLU H 54 16.00 -17.79 -18.03
CA GLU H 54 14.87 -17.89 -17.12
C GLU H 54 13.93 -16.70 -17.25
N THR H 55 14.49 -15.51 -17.44
CA THR H 55 13.68 -14.32 -17.66
C THR H 55 12.88 -14.44 -18.95
N ARG H 56 13.50 -14.95 -20.01
CA ARG H 56 12.77 -15.18 -21.25
C ARG H 56 11.63 -16.15 -21.04
N GLY H 57 11.87 -17.23 -20.30
CA GLY H 57 10.82 -18.21 -20.07
C GLY H 57 9.67 -17.64 -19.25
N VAL H 58 9.97 -16.94 -18.17
CA VAL H 58 8.92 -16.38 -17.32
C VAL H 58 8.15 -15.30 -18.08
N LEU H 59 8.85 -14.52 -18.91
CA LEU H 59 8.16 -13.53 -19.73
C LEU H 59 7.23 -14.19 -20.73
N LYS H 60 7.68 -15.29 -21.34
CA LYS H 60 6.80 -16.03 -22.25
C LYS H 60 5.57 -16.55 -21.52
N VAL H 61 5.74 -17.08 -20.30
CA VAL H 61 4.60 -17.58 -19.55
C VAL H 61 3.64 -16.44 -19.20
N PHE H 62 4.17 -15.30 -18.76
CA PHE H 62 3.33 -14.17 -18.39
C PHE H 62 2.56 -13.65 -19.60
N LEU H 63 3.24 -13.54 -20.75
CA LEU H 63 2.54 -13.11 -21.97
C LEU H 63 1.49 -14.14 -22.39
N GLU H 64 1.79 -15.43 -22.24
CA GLU H 64 0.79 -16.44 -22.55
C GLU H 64 -0.45 -16.26 -21.70
N ASN H 65 -0.26 -16.02 -20.40
CA ASN H 65 -1.40 -15.83 -19.49
C ASN H 65 -2.20 -14.59 -19.87
N VAL H 66 -1.51 -13.48 -20.13
CA VAL H 66 -2.21 -12.23 -20.40
C VAL H 66 -2.94 -12.30 -21.75
N ILE H 67 -2.33 -12.94 -22.75
CA ILE H 67 -3.00 -13.08 -24.04
C ILE H 67 -4.17 -14.04 -23.94
N ARG H 68 -4.06 -15.10 -23.13
CA ARG H 68 -5.21 -15.98 -22.91
C ARG H 68 -6.36 -15.22 -22.28
N ASP H 69 -6.07 -14.40 -21.26
CA ASP H 69 -7.13 -13.60 -20.64
C ASP H 69 -7.74 -12.61 -21.63
N ALA H 70 -6.90 -11.98 -22.45
CA ALA H 70 -7.40 -11.03 -23.43
C ALA H 70 -8.28 -11.73 -24.48
N VAL H 71 -7.88 -12.92 -24.91
CA VAL H 71 -8.68 -13.67 -25.88
C VAL H 71 -10.01 -14.07 -25.27
N THR H 72 -10.00 -14.51 -24.01
CA THR H 72 -11.25 -14.84 -23.33
C THR H 72 -12.17 -13.64 -23.24
N TYR H 73 -11.63 -12.47 -22.87
CA TYR H 73 -12.45 -11.27 -22.80
C TYR H 73 -12.98 -10.88 -24.18
N THR H 74 -12.14 -10.97 -25.21
CA THR H 74 -12.56 -10.62 -26.56
C THR H 74 -13.69 -11.53 -27.04
N GLU H 75 -13.58 -12.83 -26.75
CA GLU H 75 -14.69 -13.74 -27.04
C GLU H 75 -15.92 -13.36 -26.24
N HIS H 76 -15.74 -12.86 -25.01
CA HIS H 76 -16.86 -12.35 -24.24
C HIS H 76 -17.32 -10.98 -24.72
N ALA H 77 -16.40 -10.15 -25.21
CA ALA H 77 -16.74 -8.80 -25.66
C ALA H 77 -17.14 -8.73 -27.13
N LYS H 78 -17.02 -9.83 -27.88
CA LYS H 78 -17.43 -9.91 -29.28
C LYS H 78 -16.71 -8.87 -30.13
N ARG H 79 -15.38 -9.01 -30.21
CA ARG H 79 -14.56 -8.16 -31.04
C ARG H 79 -13.70 -9.00 -31.96
N LYS H 80 -13.32 -8.42 -33.11
CA LYS H 80 -12.51 -9.14 -34.07
C LYS H 80 -11.05 -9.23 -33.64
N THR H 81 -10.51 -8.15 -33.06
CA THR H 81 -9.10 -8.09 -32.70
C THR H 81 -8.94 -7.60 -31.28
N VAL H 82 -7.81 -7.94 -30.68
CA VAL H 82 -7.50 -7.53 -29.31
C VAL H 82 -7.10 -6.06 -29.32
N THR H 83 -7.70 -5.28 -28.43
CA THR H 83 -7.48 -3.84 -28.36
C THR H 83 -6.78 -3.48 -27.05
N ALA H 84 -6.46 -2.19 -26.91
CA ALA H 84 -5.75 -1.71 -25.72
C ALA H 84 -6.62 -1.82 -24.48
N MET H 85 -7.90 -1.47 -24.58
CA MET H 85 -8.80 -1.63 -23.44
C MET H 85 -8.94 -3.09 -23.03
N ASP H 86 -8.86 -4.01 -23.99
CA ASP H 86 -8.81 -5.43 -23.67
C ASP H 86 -7.60 -5.75 -22.80
N VAL H 87 -6.43 -5.20 -23.16
CA VAL H 87 -5.23 -5.43 -22.37
C VAL H 87 -5.39 -4.86 -20.96
N VAL H 88 -5.92 -3.64 -20.86
CA VAL H 88 -6.09 -3.01 -19.56
C VAL H 88 -7.04 -3.83 -18.69
N TYR H 89 -8.14 -4.31 -19.27
CA TYR H 89 -9.08 -5.13 -18.53
C TYR H 89 -8.44 -6.45 -18.10
N ALA H 90 -7.61 -7.04 -18.98
CA ALA H 90 -6.94 -8.28 -18.63
C ALA H 90 -6.00 -8.10 -17.44
N LEU H 91 -5.23 -7.00 -17.44
CA LEU H 91 -4.38 -6.71 -16.29
C LEU H 91 -5.19 -6.44 -15.03
N LYS H 92 -6.27 -5.67 -15.13
CA LYS H 92 -7.01 -5.30 -13.93
C LYS H 92 -7.89 -6.42 -13.39
N ARG H 93 -8.16 -7.45 -14.20
CA ARG H 93 -8.93 -8.60 -13.75
C ARG H 93 -8.13 -9.89 -13.89
N GLN H 94 -6.81 -9.80 -13.78
CA GLN H 94 -5.95 -10.98 -13.91
C GLN H 94 -6.12 -11.93 -12.73
#